data_3W7N
#
_entry.id   3W7N
#
_cell.length_a   67.743
_cell.length_b   72.951
_cell.length_c   129.553
_cell.angle_alpha   90.00
_cell.angle_beta   90.00
_cell.angle_gamma   90.00
#
_symmetry.space_group_name_H-M   'P 21 21 21'
#
loop_
_entity.id
_entity.type
_entity.pdbx_description
1 polymer 'Dihydroorotate dehydrogenase (fumarate)'
2 non-polymer '5-(2-{6-[(2-hydroxyethyl)carbamoyl]naphthalen-2-yl}ethyl)-2,6-dioxo-1,2,3,6-tetrahydropyrimidine-4-carboxylic acid'
3 non-polymer GLYCEROL
4 non-polymer 'FLAVIN MONONUCLEOTIDE'
5 non-polymer 'COBALT HEXAMMINE(III)'
6 water water
#
_entity_poly.entity_id   1
_entity_poly.type   'polypeptide(L)'
_entity_poly.pdbx_seq_one_letter_code
;MCLKLNLLDHVFANPFMNAAGVLCSTEEDLRCMTASSSGALVSKSCTSAPRDGNPEPRYMAFPLGSINSMGLPNLGFDFY
LKYASDLHDYSKKPLFLSISGLSVEENVAMVRRLAPVAQEKGVLLELNLSCPNVPGKPQVAYDFEAMRTYLQQVSLAYGL
PFGVKMPPYFDIAHFDTAAAVLNEFPLVKFVTCVNSVGNGLVIDAESESVVIKPKQGFGGLGGKYILPTALANVNAFYRR
CPDKLVFGCGGVYSGEDAFLHILAGASMVQVGTALQEEGPGIFTRLEDELLEIMARKGYRTLEEFRGRVKTIE
;
_entity_poly.pdbx_strand_id   A,B
#
# COMPACT_ATOMS: atom_id res chain seq x y z
N MET A 1 12.25 11.51 -33.32
CA MET A 1 11.60 11.40 -31.97
C MET A 1 10.40 10.42 -31.95
N CYS A 2 10.54 9.29 -31.25
CA CYS A 2 9.49 8.23 -31.32
C CYS A 2 9.31 7.41 -30.05
N LEU A 3 8.21 6.67 -30.00
CA LEU A 3 7.82 5.87 -28.83
C LEU A 3 7.93 4.42 -29.10
N LYS A 4 8.43 4.11 -30.27
CA LYS A 4 8.50 2.73 -30.75
C LYS A 4 9.35 1.84 -29.84
N LEU A 5 9.01 0.57 -29.77
CA LEU A 5 9.85 -0.42 -29.14
C LEU A 5 9.72 -1.83 -29.67
N ASN A 6 10.80 -2.57 -29.61
CA ASN A 6 10.83 -3.97 -29.98
C ASN A 6 11.15 -4.67 -28.75
N LEU A 7 10.31 -5.61 -28.41
CA LEU A 7 10.62 -6.43 -27.31
C LEU A 7 9.88 -7.73 -27.43
N LEU A 8 10.39 -8.76 -26.75
CA LEU A 8 9.86 -10.11 -26.84
C LEU A 8 9.49 -10.45 -28.24
N ASP A 9 10.33 -10.03 -29.17
CA ASP A 9 10.13 -10.30 -30.59
C ASP A 9 8.90 -9.67 -31.22
N HIS A 10 8.31 -8.69 -30.55
CA HIS A 10 7.23 -7.98 -31.21
C HIS A 10 7.58 -6.54 -31.34
N VAL A 11 6.96 -5.89 -32.28
CA VAL A 11 7.16 -4.46 -32.45
C VAL A 11 5.92 -3.79 -31.86
N PHE A 12 6.13 -2.67 -31.11
CA PHE A 12 5.04 -1.86 -30.52
C PHE A 12 5.12 -0.35 -30.85
N ALA A 13 4.04 0.22 -31.40
CA ALA A 13 4.04 1.63 -31.81
C ALA A 13 4.43 2.56 -30.62
N ASN A 14 3.98 2.20 -29.44
CA ASN A 14 4.23 2.98 -28.23
C ASN A 14 4.22 2.05 -27.00
N PRO A 15 4.65 2.55 -25.85
CA PRO A 15 4.70 1.69 -24.64
C PRO A 15 3.32 1.45 -23.98
N PHE A 16 2.24 2.00 -24.52
CA PHE A 16 0.95 1.95 -23.80
C PHE A 16 0.01 0.80 -24.12
N MET A 17 -0.64 0.32 -23.07
CA MET A 17 -1.69 -0.71 -23.14
C MET A 17 -2.66 -0.59 -21.96
N ASN A 18 -3.82 -1.22 -22.10
CA ASN A 18 -4.77 -1.35 -20.97
C ASN A 18 -4.15 -2.22 -19.90
N ALA A 19 -4.64 -2.10 -18.67
CA ALA A 19 -4.32 -3.06 -17.59
C ALA A 19 -5.26 -4.27 -17.72
N ALA A 20 -4.85 -5.45 -17.30
CA ALA A 20 -5.78 -6.55 -17.49
C ALA A 20 -7.04 -6.27 -16.60
N GLY A 21 -8.21 -6.60 -17.12
CA GLY A 21 -9.41 -6.35 -16.39
C GLY A 21 -10.17 -5.16 -16.97
N VAL A 22 -9.46 -4.16 -17.49
CA VAL A 22 -10.10 -2.96 -17.94
C VAL A 22 -10.29 -3.04 -19.49
N LEU A 23 -11.55 -2.82 -19.91
CA LEU A 23 -11.93 -2.75 -21.33
C LEU A 23 -11.38 -3.90 -22.12
N CYS A 24 -11.63 -5.11 -21.66
CA CYS A 24 -11.13 -6.30 -22.34
C CYS A 24 -11.90 -7.58 -22.04
N SER A 25 -13.20 -7.49 -21.85
CA SER A 25 -13.93 -8.68 -21.42
C SER A 25 -14.73 -9.38 -22.54
N THR A 26 -15.31 -8.61 -23.44
CA THR A 26 -16.18 -9.09 -24.51
C THR A 26 -15.47 -8.83 -25.85
N GLU A 27 -16.01 -9.38 -26.93
CA GLU A 27 -15.53 -9.10 -28.28
C GLU A 27 -15.60 -7.59 -28.53
N GLU A 28 -16.65 -6.98 -28.01
CA GLU A 28 -16.85 -5.59 -28.27
C GLU A 28 -15.67 -4.80 -27.66
N ASP A 29 -15.28 -5.11 -26.42
CA ASP A 29 -14.20 -4.39 -25.72
C ASP A 29 -12.87 -4.53 -26.44
N LEU A 30 -12.58 -5.77 -26.79
CA LEU A 30 -11.35 -6.13 -27.45
C LEU A 30 -11.20 -5.43 -28.81
N ARG A 31 -12.28 -5.39 -29.56
CA ARG A 31 -12.32 -4.71 -30.86
C ARG A 31 -12.05 -3.20 -30.71
N CYS A 32 -12.65 -2.58 -29.69
CA CYS A 32 -12.36 -1.19 -29.26
C CYS A 32 -10.89 -0.94 -28.84
N MET A 33 -10.32 -1.76 -27.95
CA MET A 33 -8.91 -1.61 -27.60
C MET A 33 -8.06 -1.72 -28.86
N THR A 34 -8.48 -2.60 -29.76
CA THR A 34 -7.71 -2.84 -30.99
C THR A 34 -7.79 -1.66 -31.91
N ALA A 35 -8.96 -1.03 -32.01
CA ALA A 35 -9.11 0.18 -32.84
C ALA A 35 -8.44 1.42 -32.19
N SER A 36 -8.09 1.35 -30.90
CA SER A 36 -7.51 2.51 -30.19
C SER A 36 -6.03 2.66 -30.59
N SER A 37 -5.37 3.73 -30.15
CA SER A 37 -3.98 3.83 -30.51
C SER A 37 -3.02 3.36 -29.41
N SER A 38 -3.54 2.54 -28.50
CA SER A 38 -2.61 1.81 -27.61
C SER A 38 -1.58 1.05 -28.43
N GLY A 39 -0.36 0.98 -27.91
CA GLY A 39 0.68 0.08 -28.44
C GLY A 39 0.32 -1.40 -28.47
N ALA A 40 -0.52 -1.86 -27.55
CA ALA A 40 -0.89 -3.29 -27.43
C ALA A 40 -2.17 -3.40 -26.59
N LEU A 41 -2.69 -4.63 -26.40
CA LEU A 41 -3.78 -4.92 -25.48
C LEU A 41 -3.61 -6.29 -24.80
N VAL A 42 -4.23 -6.40 -23.60
CA VAL A 42 -4.34 -7.61 -22.80
C VAL A 42 -5.83 -7.93 -22.53
N SER A 43 -6.18 -9.21 -22.75
CA SER A 43 -7.52 -9.76 -22.50
C SER A 43 -7.81 -9.89 -21.00
N LYS A 44 -9.10 -9.85 -20.61
CA LYS A 44 -9.50 -10.00 -19.22
C LYS A 44 -8.95 -11.33 -18.74
N SER A 45 -8.51 -11.38 -17.49
CA SER A 45 -8.02 -12.62 -16.87
C SER A 45 -9.16 -13.65 -16.85
N CYS A 46 -8.91 -14.80 -17.45
CA CYS A 46 -9.93 -15.82 -17.58
C CYS A 46 -9.66 -17.09 -16.76
N THR A 47 -10.74 -17.83 -16.59
CA THR A 47 -10.79 -19.11 -15.94
C THR A 47 -11.34 -20.03 -17.00
N SER A 48 -11.19 -21.33 -16.78
CA SER A 48 -11.80 -22.41 -17.59
C SER A 48 -13.30 -22.25 -17.90
N ALA A 49 -14.10 -22.16 -16.84
CA ALA A 49 -15.53 -21.96 -16.93
C ALA A 49 -15.87 -20.45 -16.98
N PRO A 50 -16.91 -20.06 -17.74
CA PRO A 50 -17.39 -18.69 -17.66
C PRO A 50 -17.76 -18.36 -16.23
N ARG A 51 -17.51 -17.12 -15.80
CA ARG A 51 -17.93 -16.68 -14.47
C ARG A 51 -18.75 -15.39 -14.54
N ASP A 52 -19.72 -15.30 -13.64
CA ASP A 52 -20.63 -14.15 -13.48
C ASP A 52 -19.91 -13.08 -12.64
N GLY A 53 -19.02 -13.53 -11.75
CA GLY A 53 -18.35 -12.67 -10.81
C GLY A 53 -19.21 -12.33 -9.61
N ASN A 54 -18.71 -11.43 -8.78
CA ASN A 54 -19.36 -10.95 -7.58
C ASN A 54 -20.59 -10.10 -7.93
N PRO A 55 -21.50 -9.93 -6.95
CA PRO A 55 -22.67 -9.05 -7.02
C PRO A 55 -22.30 -7.56 -7.16
N GLU A 56 -23.15 -6.81 -7.84
CA GLU A 56 -22.94 -5.39 -8.04
C GLU A 56 -23.60 -4.58 -6.97
N PRO A 57 -23.08 -3.36 -6.68
CA PRO A 57 -21.89 -2.68 -7.24
C PRO A 57 -20.56 -3.33 -6.76
N ARG A 58 -19.58 -3.30 -7.65
CA ARG A 58 -18.36 -4.04 -7.44
C ARG A 58 -17.09 -3.29 -7.94
N TYR A 59 -17.33 -2.17 -8.60
CA TYR A 59 -16.27 -1.24 -8.87
C TYR A 59 -16.70 0.16 -8.63
N MET A 60 -15.83 1.01 -8.09
CA MET A 60 -16.12 2.43 -8.00
C MET A 60 -14.85 3.30 -8.07
N ALA A 61 -15.04 4.53 -8.58
CA ALA A 61 -13.94 5.43 -8.89
C ALA A 61 -14.14 6.81 -8.31
N PHE A 62 -13.07 7.51 -8.01
CA PHE A 62 -13.12 8.78 -7.31
C PHE A 62 -11.93 9.59 -7.82
N PRO A 63 -11.84 10.91 -7.48
CA PRO A 63 -10.73 11.71 -8.01
C PRO A 63 -9.35 11.09 -7.88
N LEU A 64 -9.10 10.30 -6.86
CA LEU A 64 -7.75 9.80 -6.64
C LEU A 64 -7.65 8.33 -6.83
N GLY A 65 -8.73 7.70 -7.28
CA GLY A 65 -8.61 6.32 -7.71
C GLY A 65 -9.83 5.47 -7.66
N SER A 66 -9.60 4.17 -7.62
CA SER A 66 -10.69 3.19 -7.71
C SER A 66 -10.60 2.07 -6.67
N ILE A 67 -11.72 1.39 -6.49
CA ILE A 67 -11.72 0.21 -5.64
C ILE A 67 -12.52 -0.84 -6.40
N ASN A 68 -12.08 -2.09 -6.37
CA ASN A 68 -12.86 -3.11 -7.08
C ASN A 68 -12.83 -4.43 -6.37
N SER A 69 -13.97 -5.10 -6.39
CA SER A 69 -13.91 -6.57 -6.12
C SER A 69 -14.79 -7.35 -7.11
N MET A 70 -14.28 -7.43 -8.34
CA MET A 70 -15.04 -7.98 -9.47
C MET A 70 -15.31 -9.51 -9.31
N GLY A 71 -14.45 -10.22 -8.57
CA GLY A 71 -14.46 -11.67 -8.55
C GLY A 71 -14.28 -12.40 -9.87
N LEU A 72 -13.49 -11.83 -10.79
CA LEU A 72 -13.09 -12.55 -12.01
C LEU A 72 -14.25 -12.97 -12.94
N PRO A 73 -15.17 -12.02 -13.21
CA PRO A 73 -16.14 -12.29 -14.27
C PRO A 73 -15.41 -12.26 -15.58
N ASN A 74 -15.72 -13.19 -16.47
CA ASN A 74 -15.05 -13.29 -17.75
C ASN A 74 -15.86 -14.31 -18.57
N LEU A 75 -15.61 -14.36 -19.88
CA LEU A 75 -16.41 -15.22 -20.74
C LEU A 75 -15.92 -16.67 -20.83
N GLY A 76 -14.85 -17.05 -20.11
CA GLY A 76 -14.26 -18.36 -20.19
C GLY A 76 -13.13 -18.43 -21.19
N PHE A 77 -12.11 -19.16 -20.83
CA PHE A 77 -10.98 -19.41 -21.67
C PHE A 77 -11.30 -19.67 -23.15
N ASP A 78 -12.24 -20.58 -23.43
CA ASP A 78 -12.65 -20.87 -24.82
C ASP A 78 -12.93 -19.62 -25.63
N PHE A 79 -13.71 -18.71 -25.05
CA PHE A 79 -13.89 -17.42 -25.69
C PHE A 79 -12.57 -16.69 -25.99
N TYR A 80 -11.69 -16.49 -25.01
CA TYR A 80 -10.43 -15.71 -25.28
C TYR A 80 -9.48 -16.45 -26.15
N LEU A 81 -9.49 -17.77 -26.04
CA LEU A 81 -8.66 -18.57 -26.95
C LEU A 81 -9.10 -18.41 -28.41
N LYS A 82 -10.40 -18.48 -28.67
CA LYS A 82 -10.95 -18.23 -29.99
C LYS A 82 -10.67 -16.83 -30.46
N TYR A 83 -10.66 -15.86 -29.53
CA TYR A 83 -10.38 -14.48 -29.93
C TYR A 83 -8.93 -14.44 -30.33
N ALA A 84 -8.06 -15.10 -29.54
CA ALA A 84 -6.64 -15.09 -29.91
C ALA A 84 -6.40 -15.79 -31.27
N SER A 85 -7.09 -16.91 -31.51
CA SER A 85 -6.80 -17.71 -32.70
C SER A 85 -7.60 -17.32 -33.91
N ASP A 86 -8.82 -16.81 -33.75
CA ASP A 86 -9.66 -16.53 -34.91
C ASP A 86 -10.00 -15.05 -35.18
N LEU A 87 -10.24 -14.27 -34.12
CA LEU A 87 -10.75 -12.93 -34.33
C LEU A 87 -9.74 -11.81 -34.22
N HIS A 88 -8.72 -11.93 -33.37
CA HIS A 88 -7.79 -10.79 -33.24
C HIS A 88 -7.02 -10.40 -34.50
N ASP A 89 -6.85 -9.10 -34.74
CA ASP A 89 -5.98 -8.65 -35.88
C ASP A 89 -4.52 -8.23 -35.48
N TYR A 90 -3.60 -9.19 -35.50
CA TYR A 90 -2.19 -8.93 -35.16
C TYR A 90 -1.46 -7.87 -35.99
N SER A 91 -1.94 -7.61 -37.19
CA SER A 91 -1.30 -6.54 -37.98
C SER A 91 -1.52 -5.16 -37.34
N LYS A 92 -2.59 -5.02 -36.55
CA LYS A 92 -2.82 -3.77 -35.82
C LYS A 92 -1.91 -3.60 -34.60
N LYS A 93 -1.77 -4.64 -33.77
CA LYS A 93 -0.94 -4.54 -32.59
C LYS A 93 -0.80 -5.91 -31.88
N PRO A 94 0.23 -6.08 -31.07
CA PRO A 94 0.29 -7.39 -30.43
C PRO A 94 -0.83 -7.64 -29.39
N LEU A 95 -1.18 -8.90 -29.16
CA LEU A 95 -2.10 -9.28 -28.11
C LEU A 95 -1.42 -10.04 -26.97
N PHE A 96 -1.74 -9.65 -25.72
CA PHE A 96 -1.44 -10.41 -24.50
C PHE A 96 -2.72 -11.11 -24.05
N LEU A 97 -2.61 -12.33 -23.52
CA LEU A 97 -3.78 -13.02 -22.99
C LEU A 97 -3.41 -13.30 -21.54
N SER A 98 -4.29 -12.89 -20.63
CA SER A 98 -4.00 -13.00 -19.24
C SER A 98 -4.81 -14.17 -18.71
N ILE A 99 -4.15 -15.11 -18.06
CA ILE A 99 -4.91 -16.20 -17.45
C ILE A 99 -4.87 -16.13 -15.94
N SER A 100 -5.96 -16.50 -15.31
CA SER A 100 -5.92 -16.45 -13.88
C SER A 100 -6.72 -17.56 -13.26
N GLY A 101 -6.34 -18.78 -13.61
CA GLY A 101 -6.89 -20.05 -13.06
C GLY A 101 -6.87 -20.13 -11.56
N LEU A 102 -7.91 -20.73 -10.99
CA LEU A 102 -8.14 -20.73 -9.53
C LEU A 102 -7.35 -21.80 -8.77
N SER A 103 -6.59 -22.59 -9.51
CA SER A 103 -5.74 -23.61 -8.93
C SER A 103 -4.65 -23.80 -9.97
N VAL A 104 -3.56 -24.46 -9.57
CA VAL A 104 -2.42 -24.65 -10.44
C VAL A 104 -2.80 -25.55 -11.63
N GLU A 105 -3.59 -26.60 -11.37
CA GLU A 105 -4.16 -27.50 -12.42
C GLU A 105 -5.04 -26.81 -13.50
N GLU A 106 -5.92 -25.91 -13.05
CA GLU A 106 -6.68 -25.09 -14.00
C GLU A 106 -5.71 -24.29 -14.89
N ASN A 107 -4.66 -23.70 -14.29
CA ASN A 107 -3.66 -22.92 -15.05
C ASN A 107 -2.86 -23.75 -16.09
N VAL A 108 -2.47 -24.97 -15.69
CA VAL A 108 -1.77 -25.88 -16.56
C VAL A 108 -2.68 -26.27 -17.73
N ALA A 109 -3.92 -26.65 -17.44
CA ALA A 109 -4.89 -27.01 -18.49
C ALA A 109 -4.98 -25.90 -19.55
N MET A 110 -5.21 -24.66 -19.12
CA MET A 110 -5.37 -23.60 -20.09
C MET A 110 -4.09 -23.39 -20.90
N VAL A 111 -2.94 -23.37 -20.24
CA VAL A 111 -1.70 -23.03 -20.99
C VAL A 111 -1.30 -24.08 -22.03
N ARG A 112 -1.57 -25.33 -21.71
CA ARG A 112 -1.31 -26.43 -22.64
C ARG A 112 -2.09 -26.18 -23.88
N ARG A 113 -3.31 -25.69 -23.73
CA ARG A 113 -4.13 -25.39 -24.90
C ARG A 113 -3.75 -24.08 -25.55
N LEU A 114 -3.13 -23.17 -24.79
CA LEU A 114 -2.66 -21.90 -25.33
C LEU A 114 -1.39 -22.04 -26.21
N ALA A 115 -0.51 -22.94 -25.82
CA ALA A 115 0.81 -23.04 -26.46
C ALA A 115 0.78 -22.99 -27.98
N PRO A 116 -0.03 -23.85 -28.65
CA PRO A 116 0.04 -23.84 -30.14
C PRO A 116 -0.42 -22.54 -30.79
N VAL A 117 -1.41 -21.87 -30.21
CA VAL A 117 -1.84 -20.55 -30.67
C VAL A 117 -0.72 -19.48 -30.43
N ALA A 118 -0.14 -19.51 -29.23
CA ALA A 118 1.05 -18.69 -28.93
C ALA A 118 2.16 -18.84 -29.96
N GLN A 119 2.45 -20.08 -30.32
CA GLN A 119 3.46 -20.38 -31.34
C GLN A 119 3.03 -19.89 -32.72
N GLU A 120 1.83 -20.27 -33.12
CA GLU A 120 1.32 -19.95 -34.43
C GLU A 120 0.98 -18.46 -34.62
N LYS A 121 0.28 -17.87 -33.65
CA LYS A 121 -0.21 -16.48 -33.77
C LYS A 121 0.66 -15.45 -33.05
N GLY A 122 1.50 -15.86 -32.12
CA GLY A 122 2.39 -14.90 -31.49
C GLY A 122 1.76 -14.21 -30.29
N VAL A 123 0.59 -14.69 -29.84
CA VAL A 123 -0.07 -14.15 -28.65
C VAL A 123 0.83 -14.36 -27.41
N LEU A 124 0.83 -13.42 -26.49
CA LEU A 124 1.73 -13.52 -25.34
C LEU A 124 1.03 -13.82 -24.02
N LEU A 125 1.64 -14.65 -23.18
CA LEU A 125 0.97 -15.05 -21.97
C LEU A 125 1.35 -14.17 -20.81
N GLU A 126 0.35 -13.70 -20.08
CA GLU A 126 0.56 -13.01 -18.82
C GLU A 126 -0.17 -13.84 -17.75
N LEU A 127 0.62 -14.46 -16.90
CA LEU A 127 0.10 -15.28 -15.87
C LEU A 127 -0.22 -14.41 -14.68
N ASN A 128 -1.47 -14.39 -14.25
CA ASN A 128 -1.80 -13.59 -13.10
C ASN A 128 -1.56 -14.30 -11.74
N LEU A 129 -0.58 -13.81 -10.97
CA LEU A 129 -0.16 -14.44 -9.71
C LEU A 129 -0.72 -13.75 -8.50
N SER A 130 -1.35 -12.62 -8.73
CA SER A 130 -1.96 -11.82 -7.67
C SER A 130 -3.40 -12.26 -7.62
N CYS A 131 -3.58 -13.58 -7.53
CA CYS A 131 -4.89 -14.23 -7.49
C CYS A 131 -5.01 -15.16 -6.27
N PRO A 132 -6.25 -15.44 -5.80
CA PRO A 132 -6.41 -16.35 -4.65
C PRO A 132 -6.04 -17.83 -4.95
N ASN A 133 -5.55 -18.54 -3.93
CA ASN A 133 -5.32 -19.98 -4.07
C ASN A 133 -6.43 -20.70 -3.31
N VAL A 134 -6.11 -21.30 -2.15
CA VAL A 134 -7.15 -21.74 -1.21
C VAL A 134 -7.42 -20.58 -0.20
N PRO A 135 -8.70 -20.29 0.11
CA PRO A 135 -9.09 -19.25 1.13
C PRO A 135 -8.46 -19.43 2.54
N GLY A 136 -7.97 -18.34 3.12
CA GLY A 136 -7.14 -18.35 4.35
C GLY A 136 -5.63 -18.62 4.16
N LYS A 137 -5.21 -18.77 2.91
CA LYS A 137 -3.80 -18.68 2.52
C LYS A 137 -3.62 -17.34 1.83
N PRO A 138 -2.45 -16.68 1.99
CA PRO A 138 -2.30 -15.43 1.21
C PRO A 138 -2.46 -15.72 -0.29
N GLN A 139 -2.89 -14.74 -1.06
CA GLN A 139 -2.93 -14.92 -2.52
C GLN A 139 -1.54 -15.41 -3.02
N VAL A 140 -1.44 -15.92 -4.25
CA VAL A 140 -0.27 -16.78 -4.62
C VAL A 140 1.13 -16.14 -4.45
N ALA A 141 1.25 -14.88 -4.90
CA ALA A 141 2.51 -14.14 -4.85
C ALA A 141 3.00 -13.78 -3.45
N TYR A 142 2.15 -13.83 -2.44
CA TYR A 142 2.63 -13.54 -1.09
C TYR A 142 3.02 -14.80 -0.38
N ASP A 143 3.23 -15.86 -1.15
CA ASP A 143 3.46 -17.24 -0.67
C ASP A 143 4.46 -17.87 -1.64
N PHE A 144 5.73 -17.75 -1.28
CA PHE A 144 6.80 -17.96 -2.25
C PHE A 144 6.95 -19.43 -2.65
N GLU A 145 6.49 -20.32 -1.79
CA GLU A 145 6.35 -21.76 -2.12
C GLU A 145 5.31 -22.00 -3.23
N ALA A 146 4.07 -21.59 -2.98
CA ALA A 146 3.02 -21.64 -4.00
C ALA A 146 3.49 -21.03 -5.33
N MET A 147 4.19 -19.90 -5.25
CA MET A 147 4.59 -19.18 -6.45
C MET A 147 5.64 -20.00 -7.19
N ARG A 148 6.59 -20.56 -6.44
CA ARG A 148 7.57 -21.41 -7.07
C ARG A 148 6.83 -22.53 -7.81
N THR A 149 5.89 -23.16 -7.09
CA THR A 149 5.10 -24.26 -7.62
C THR A 149 4.42 -23.89 -8.95
N TYR A 150 3.59 -22.84 -8.92
CA TYR A 150 2.88 -22.44 -10.14
C TYR A 150 3.85 -22.21 -11.31
N LEU A 151 5.01 -21.62 -11.01
CA LEU A 151 5.98 -21.29 -12.08
C LEU A 151 6.71 -22.45 -12.70
N GLN A 152 7.01 -23.47 -11.88
CA GLN A 152 7.63 -24.68 -12.40
C GLN A 152 6.60 -25.36 -13.28
N GLN A 153 5.41 -25.57 -12.74
CA GLN A 153 4.38 -26.28 -13.44
C GLN A 153 3.99 -25.60 -14.73
N VAL A 154 3.79 -24.28 -14.68
CA VAL A 154 3.47 -23.53 -15.90
C VAL A 154 4.65 -23.46 -16.88
N SER A 155 5.88 -23.33 -16.38
CA SER A 155 7.04 -23.41 -17.29
C SER A 155 7.09 -24.77 -17.99
N LEU A 156 6.88 -25.85 -17.25
CA LEU A 156 6.79 -27.19 -17.84
C LEU A 156 5.66 -27.37 -18.84
N ALA A 157 4.42 -27.15 -18.42
CA ALA A 157 3.24 -27.20 -19.32
C ALA A 157 3.28 -26.31 -20.54
N TYR A 158 3.91 -25.13 -20.47
CA TYR A 158 3.81 -24.16 -21.56
C TYR A 158 5.10 -24.12 -22.40
N GLY A 159 6.26 -24.14 -21.74
CA GLY A 159 7.52 -24.24 -22.48
C GLY A 159 7.81 -23.09 -23.44
N LEU A 160 7.23 -21.93 -23.15
CA LEU A 160 7.46 -20.75 -23.98
C LEU A 160 7.64 -19.49 -23.13
N PRO A 161 8.31 -18.47 -23.70
CA PRO A 161 8.36 -17.14 -23.05
C PRO A 161 6.96 -16.67 -22.59
N PHE A 162 6.81 -16.38 -21.31
CA PHE A 162 5.65 -15.70 -20.78
C PHE A 162 6.07 -14.64 -19.76
N GLY A 163 5.06 -13.97 -19.20
CA GLY A 163 5.29 -12.89 -18.26
C GLY A 163 4.37 -13.09 -17.10
N VAL A 164 4.64 -12.39 -16.03
CA VAL A 164 3.93 -12.61 -14.79
C VAL A 164 3.42 -11.29 -14.24
N LYS A 165 2.20 -11.29 -13.70
CA LYS A 165 1.62 -10.10 -13.08
C LYS A 165 1.75 -10.21 -11.55
N MET A 166 2.48 -9.27 -10.95
CA MET A 166 2.79 -9.23 -9.48
C MET A 166 1.94 -8.27 -8.65
N PRO A 167 1.54 -8.70 -7.46
CA PRO A 167 0.95 -7.76 -6.51
C PRO A 167 2.07 -6.85 -5.99
N PRO A 168 1.75 -5.76 -5.31
CA PRO A 168 2.88 -4.93 -4.81
C PRO A 168 3.52 -5.53 -3.58
N TYR A 169 4.80 -5.21 -3.33
CA TYR A 169 5.46 -5.62 -2.08
C TYR A 169 5.93 -4.37 -1.37
N PHE A 170 6.23 -4.50 -0.08
CA PHE A 170 6.34 -3.35 0.83
C PHE A 170 7.57 -3.36 1.74
N ASP A 171 8.23 -4.52 1.74
CA ASP A 171 9.39 -4.87 2.54
C ASP A 171 10.50 -5.28 1.58
N ILE A 172 11.73 -4.88 1.89
CA ILE A 172 12.95 -5.26 1.16
C ILE A 172 13.20 -6.79 1.13
N ALA A 173 12.99 -7.47 2.25
CA ALA A 173 13.17 -8.92 2.25
C ALA A 173 12.25 -9.61 1.22
N HIS A 174 11.05 -9.06 1.04
CA HIS A 174 10.08 -9.59 0.06
C HIS A 174 10.56 -9.33 -1.36
N PHE A 175 11.06 -8.13 -1.61
CA PHE A 175 11.68 -7.81 -2.90
C PHE A 175 12.84 -8.74 -3.16
N ASP A 176 13.69 -8.94 -2.14
CA ASP A 176 14.81 -9.85 -2.30
C ASP A 176 14.29 -11.22 -2.62
N THR A 177 13.39 -11.76 -1.80
CA THR A 177 12.84 -13.14 -2.00
C THR A 177 12.11 -13.36 -3.37
N ALA A 178 11.07 -12.56 -3.65
CA ALA A 178 10.36 -12.66 -4.91
C ALA A 178 11.27 -12.52 -6.15
N ALA A 179 12.23 -11.60 -6.14
CA ALA A 179 13.17 -11.55 -7.30
C ALA A 179 14.01 -12.82 -7.42
N ALA A 180 14.39 -13.40 -6.28
CA ALA A 180 15.27 -14.58 -6.37
C ALA A 180 14.48 -15.72 -7.05
N VAL A 181 13.24 -15.91 -6.57
CA VAL A 181 12.29 -16.88 -7.16
C VAL A 181 12.04 -16.69 -8.67
N LEU A 182 11.80 -15.45 -9.07
CA LEU A 182 11.59 -15.14 -10.46
C LEU A 182 12.81 -15.41 -11.35
N ASN A 183 14.00 -15.19 -10.77
CA ASN A 183 15.28 -15.41 -11.48
C ASN A 183 15.62 -16.89 -11.74
N GLU A 184 15.04 -17.78 -10.94
CA GLU A 184 15.11 -19.23 -11.15
C GLU A 184 14.42 -19.67 -12.41
N PHE A 185 13.65 -18.81 -13.10
CA PHE A 185 12.83 -19.29 -14.23
C PHE A 185 13.10 -18.58 -15.53
N PRO A 186 14.04 -19.11 -16.32
CA PRO A 186 14.49 -18.43 -17.50
C PRO A 186 13.34 -18.04 -18.39
N LEU A 187 12.25 -18.81 -18.39
CA LEU A 187 11.16 -18.49 -19.33
C LEU A 187 10.28 -17.25 -18.94
N VAL A 188 10.25 -16.89 -17.65
CA VAL A 188 9.62 -15.59 -17.23
C VAL A 188 10.45 -14.42 -17.79
N LYS A 189 10.09 -13.99 -18.97
CA LYS A 189 10.80 -12.96 -19.61
C LYS A 189 10.33 -11.59 -19.15
N PHE A 190 9.14 -11.48 -18.57
CA PHE A 190 8.70 -10.15 -18.18
C PHE A 190 7.93 -10.18 -16.87
N VAL A 191 8.00 -9.06 -16.16
CA VAL A 191 7.33 -8.88 -14.86
C VAL A 191 6.52 -7.58 -14.83
N THR A 192 5.23 -7.74 -14.56
CA THR A 192 4.32 -6.58 -14.42
C THR A 192 4.11 -6.24 -12.97
N CYS A 193 4.46 -5.01 -12.66
CA CYS A 193 4.37 -4.45 -11.34
C CYS A 193 3.57 -3.17 -11.55
N VAL A 194 2.38 -3.03 -10.92
CA VAL A 194 1.83 -3.94 -9.94
C VAL A 194 0.30 -4.13 -10.14
N ASN A 195 -0.25 -5.16 -9.51
CA ASN A 195 -1.68 -5.36 -9.48
C ASN A 195 -2.23 -4.37 -8.45
N SER A 196 -3.55 -4.38 -8.23
CA SER A 196 -4.13 -3.48 -7.27
C SER A 196 -3.53 -3.62 -5.86
N VAL A 197 -3.37 -2.49 -5.17
CA VAL A 197 -3.08 -2.51 -3.73
C VAL A 197 -4.27 -3.12 -2.96
N GLY A 198 -3.96 -4.29 -2.39
CA GLY A 198 -4.93 -5.22 -1.87
C GLY A 198 -5.74 -4.76 -0.69
N ASN A 199 -7.04 -5.09 -0.72
CA ASN A 199 -7.94 -4.86 0.41
C ASN A 199 -7.89 -3.51 1.05
N GLY A 200 -8.16 -2.49 0.27
CA GLY A 200 -8.37 -1.17 0.86
C GLY A 200 -9.85 -1.09 1.21
N LEU A 201 -10.22 -0.05 1.92
CA LEU A 201 -11.60 0.16 2.26
C LEU A 201 -11.93 1.62 1.88
N VAL A 202 -12.88 1.82 0.97
CA VAL A 202 -13.40 3.20 0.78
C VAL A 202 -14.76 3.39 1.44
N ILE A 203 -14.88 4.42 2.27
CA ILE A 203 -16.13 4.75 2.97
C ILE A 203 -16.65 6.10 2.45
N ASP A 204 -17.94 6.16 2.13
CA ASP A 204 -18.59 7.38 1.73
C ASP A 204 -19.16 8.09 3.00
N ALA A 205 -18.76 9.34 3.18
CA ALA A 205 -19.09 10.11 4.37
C ALA A 205 -20.55 10.51 4.47
N GLU A 206 -21.23 10.80 3.36
CA GLU A 206 -22.67 11.24 3.37
C GLU A 206 -23.55 10.04 3.75
N SER A 207 -23.31 8.91 3.12
CA SER A 207 -24.12 7.79 3.42
C SER A 207 -23.57 6.84 4.53
N GLU A 208 -22.33 7.05 4.98
CA GLU A 208 -21.72 6.26 6.06
C GLU A 208 -21.65 4.80 5.70
N SER A 209 -21.38 4.57 4.43
CA SER A 209 -21.49 3.25 3.84
C SER A 209 -20.24 2.97 3.03
N VAL A 210 -19.86 1.68 2.97
CA VAL A 210 -18.85 1.23 2.03
C VAL A 210 -19.45 1.37 0.63
N VAL A 211 -18.65 1.35 -0.45
CA VAL A 211 -19.20 1.70 -1.77
C VAL A 211 -19.24 0.48 -2.71
N ILE A 212 -18.69 -0.65 -2.27
CA ILE A 212 -18.89 -1.84 -3.07
C ILE A 212 -19.51 -2.92 -2.21
N LYS A 213 -20.27 -3.79 -2.84
CA LYS A 213 -21.06 -4.76 -2.14
C LYS A 213 -20.26 -5.97 -1.65
N PRO A 214 -19.45 -6.61 -2.52
CA PRO A 214 -18.76 -7.80 -2.00
C PRO A 214 -17.77 -7.52 -0.86
N LYS A 215 -17.49 -8.56 -0.05
CA LYS A 215 -16.39 -8.54 0.94
C LYS A 215 -16.50 -7.43 1.97
N GLN A 216 -17.72 -7.05 2.31
CA GLN A 216 -17.94 -5.95 3.23
C GLN A 216 -17.24 -4.62 2.81
N GLY A 217 -17.01 -4.53 1.51
CA GLY A 217 -16.56 -3.29 0.94
C GLY A 217 -15.07 -3.25 0.83
N PHE A 218 -14.36 -4.32 1.22
CA PHE A 218 -12.91 -4.38 1.01
C PHE A 218 -12.58 -4.71 -0.45
N GLY A 219 -11.69 -3.95 -1.07
CA GLY A 219 -11.34 -4.28 -2.46
C GLY A 219 -9.98 -3.76 -2.89
N GLY A 220 -9.59 -4.06 -4.14
CA GLY A 220 -8.24 -3.68 -4.56
C GLY A 220 -8.31 -2.23 -4.96
N LEU A 221 -7.22 -1.52 -4.69
CA LEU A 221 -7.08 -0.06 -4.94
C LEU A 221 -6.27 0.19 -6.16
N GLY A 222 -6.70 1.09 -7.03
CA GLY A 222 -5.83 1.58 -8.08
C GLY A 222 -5.83 3.11 -8.19
N GLY A 223 -5.04 3.66 -9.14
CA GLY A 223 -5.05 5.08 -9.43
C GLY A 223 -3.91 5.84 -8.79
N LYS A 224 -4.11 7.15 -8.64
CA LYS A 224 -3.12 8.05 -7.98
C LYS A 224 -2.60 7.58 -6.62
N TYR A 225 -3.44 6.80 -5.90
CA TYR A 225 -3.11 6.29 -4.56
C TYR A 225 -1.89 5.49 -4.68
N ILE A 226 -1.73 4.81 -5.80
CA ILE A 226 -0.74 3.77 -5.79
C ILE A 226 0.57 4.07 -6.56
N LEU A 227 0.68 5.26 -7.18
CA LEU A 227 1.86 5.60 -8.01
C LEU A 227 3.24 5.33 -7.33
N PRO A 228 3.46 5.82 -6.12
CA PRO A 228 4.78 5.69 -5.55
C PRO A 228 5.04 4.28 -5.22
N THR A 229 3.99 3.57 -4.83
CA THR A 229 4.11 2.13 -4.62
C THR A 229 4.47 1.41 -5.95
N ALA A 230 3.81 1.82 -7.03
CA ALA A 230 4.02 1.15 -8.33
C ALA A 230 5.48 1.40 -8.73
N LEU A 231 6.00 2.60 -8.48
CA LEU A 231 7.34 2.97 -8.89
C LEU A 231 8.40 2.25 -8.03
N ALA A 232 8.17 2.13 -6.76
CA ALA A 232 9.16 1.44 -5.96
C ALA A 232 9.35 0.02 -6.52
N ASN A 233 8.27 -0.60 -6.97
CA ASN A 233 8.26 -2.04 -7.26
C ASN A 233 8.84 -2.24 -8.69
N VAL A 234 8.48 -1.33 -9.57
CA VAL A 234 9.08 -1.31 -10.87
C VAL A 234 10.61 -1.25 -10.66
N ASN A 235 11.10 -0.26 -9.89
CA ASN A 235 12.52 -0.06 -9.73
C ASN A 235 13.25 -1.13 -8.91
N ALA A 236 12.61 -1.65 -7.87
CA ALA A 236 13.14 -2.85 -7.18
C ALA A 236 13.38 -4.04 -8.10
N PHE A 237 12.40 -4.34 -8.96
CA PHE A 237 12.53 -5.51 -9.84
C PHE A 237 13.48 -5.22 -11.02
N TYR A 238 13.61 -3.97 -11.42
CA TYR A 238 14.44 -3.61 -12.54
C TYR A 238 15.89 -3.75 -12.11
N ARG A 239 16.17 -3.36 -10.86
CA ARG A 239 17.50 -3.47 -10.27
C ARG A 239 17.89 -4.93 -9.97
N ARG A 240 16.98 -5.70 -9.40
CA ARG A 240 17.25 -7.12 -9.06
C ARG A 240 17.06 -8.15 -10.14
N CYS A 241 16.52 -7.78 -11.31
CA CYS A 241 16.32 -8.80 -12.38
C CYS A 241 16.93 -8.38 -13.69
N PRO A 242 18.27 -8.28 -13.74
CA PRO A 242 18.87 -7.63 -14.91
C PRO A 242 18.47 -8.30 -16.22
N ASP A 243 18.04 -9.57 -16.20
CA ASP A 243 17.70 -10.31 -17.43
C ASP A 243 16.20 -10.36 -17.86
N LYS A 244 15.33 -9.70 -17.09
CA LYS A 244 13.92 -9.70 -17.40
C LYS A 244 13.53 -8.30 -17.71
N LEU A 245 12.39 -8.17 -18.38
CA LEU A 245 11.77 -6.87 -18.64
C LEU A 245 10.84 -6.56 -17.51
N VAL A 246 10.76 -5.27 -17.14
CA VAL A 246 9.70 -4.83 -16.22
C VAL A 246 8.68 -3.98 -16.98
N PHE A 247 7.41 -4.34 -16.78
CA PHE A 247 6.22 -3.60 -17.25
C PHE A 247 5.66 -2.88 -16.04
N GLY A 248 5.38 -1.59 -16.24
CA GLY A 248 4.94 -0.79 -15.12
C GLY A 248 3.45 -0.71 -15.23
N CYS A 249 2.79 -0.78 -14.06
CA CYS A 249 1.34 -0.64 -13.98
C CYS A 249 1.04 -0.02 -12.64
N GLY A 250 0.29 1.07 -12.61
CA GLY A 250 -0.05 1.66 -11.29
C GLY A 250 -0.11 3.15 -11.36
N GLY A 251 -1.32 3.66 -11.30
CA GLY A 251 -1.49 5.09 -11.17
C GLY A 251 -1.03 5.98 -12.30
N VAL A 252 -0.96 5.44 -13.52
CA VAL A 252 -0.71 6.27 -14.65
C VAL A 252 -1.95 7.07 -15.07
N TYR A 253 -1.89 8.41 -15.05
CA TYR A 253 -2.91 9.28 -15.66
C TYR A 253 -2.37 10.27 -16.71
N SER A 254 -1.06 10.37 -16.85
CA SER A 254 -0.44 11.44 -17.61
C SER A 254 0.92 10.94 -18.15
N GLY A 255 1.46 11.67 -19.11
CA GLY A 255 2.76 11.33 -19.68
C GLY A 255 3.85 11.39 -18.62
N GLU A 256 3.79 12.43 -17.79
CA GLU A 256 4.71 12.55 -16.70
C GLU A 256 4.72 11.28 -15.88
N ASP A 257 3.54 10.71 -15.56
CA ASP A 257 3.49 9.44 -14.77
C ASP A 257 4.14 8.32 -15.51
N ALA A 258 3.87 8.28 -16.80
CA ALA A 258 4.50 7.28 -17.68
C ALA A 258 6.03 7.48 -17.72
N PHE A 259 6.47 8.75 -17.78
CA PHE A 259 7.87 9.14 -17.74
C PHE A 259 8.56 8.62 -16.48
N LEU A 260 7.93 8.84 -15.35
CA LEU A 260 8.48 8.37 -14.07
C LEU A 260 8.58 6.82 -14.06
N HIS A 261 7.50 6.13 -14.47
CA HIS A 261 7.56 4.66 -14.62
C HIS A 261 8.75 4.26 -15.46
N ILE A 262 8.96 4.96 -16.58
CA ILE A 262 10.05 4.59 -17.43
C ILE A 262 11.39 4.88 -16.73
N LEU A 263 11.63 6.10 -16.19
CA LEU A 263 12.87 6.31 -15.40
C LEU A 263 13.07 5.24 -14.35
N ALA A 264 12.03 4.76 -13.72
CA ALA A 264 12.17 3.68 -12.76
C ALA A 264 12.58 2.36 -13.37
N GLY A 265 12.40 2.18 -14.70
CA GLY A 265 12.84 0.96 -15.40
C GLY A 265 11.76 0.24 -16.21
N ALA A 266 10.56 0.84 -16.35
CA ALA A 266 9.51 0.25 -17.19
C ALA A 266 9.78 0.20 -18.70
N SER A 267 9.41 -0.92 -19.33
CA SER A 267 9.49 -1.08 -20.76
C SER A 267 8.14 -0.77 -21.36
N MET A 268 7.08 -1.44 -20.92
CA MET A 268 5.68 -1.13 -21.29
C MET A 268 4.99 -0.45 -20.10
N VAL A 269 3.89 0.24 -20.39
CA VAL A 269 3.24 1.02 -19.39
C VAL A 269 1.71 0.78 -19.57
N GLN A 270 1.09 0.25 -18.53
CA GLN A 270 -0.32 -0.12 -18.57
C GLN A 270 -1.16 0.89 -17.82
N VAL A 271 -2.42 0.99 -18.25
CA VAL A 271 -3.35 1.94 -17.73
C VAL A 271 -4.64 1.24 -17.32
N GLY A 272 -4.98 1.28 -16.04
CA GLY A 272 -6.22 0.67 -15.57
C GLY A 272 -7.27 1.74 -15.33
N THR A 273 -7.27 2.27 -14.13
CA THR A 273 -8.32 3.14 -13.68
C THR A 273 -8.46 4.30 -14.64
N ALA A 274 -7.35 4.82 -15.12
CA ALA A 274 -7.46 6.05 -15.87
C ALA A 274 -8.18 5.72 -17.17
N LEU A 275 -8.00 4.51 -17.66
CA LEU A 275 -8.65 4.05 -18.90
C LEU A 275 -10.13 3.80 -18.69
N GLN A 276 -10.48 3.07 -17.64
CA GLN A 276 -11.85 2.97 -17.17
C GLN A 276 -12.61 4.31 -17.07
N GLU A 277 -11.92 5.32 -16.56
CA GLU A 277 -12.58 6.60 -16.34
C GLU A 277 -12.68 7.43 -17.58
N GLU A 278 -11.64 7.42 -18.39
CA GLU A 278 -11.53 8.29 -19.50
C GLU A 278 -11.87 7.64 -20.82
N GLY A 279 -11.73 6.32 -20.94
CA GLY A 279 -12.03 5.65 -22.21
C GLY A 279 -10.78 5.63 -23.09
N PRO A 280 -10.83 4.89 -24.22
CA PRO A 280 -9.59 4.64 -24.95
C PRO A 280 -8.95 5.87 -25.54
N GLY A 281 -9.68 6.95 -25.77
CA GLY A 281 -9.03 8.21 -26.19
C GLY A 281 -7.84 8.64 -25.31
N ILE A 282 -7.65 7.99 -24.16
CA ILE A 282 -6.58 8.38 -23.26
C ILE A 282 -5.23 8.15 -23.86
N PHE A 283 -5.15 7.06 -24.60
CA PHE A 283 -3.91 6.70 -25.26
C PHE A 283 -3.24 7.74 -26.17
N THR A 284 -4.00 8.57 -26.88
CA THR A 284 -3.39 9.65 -27.69
C THR A 284 -2.84 10.78 -26.82
N ARG A 285 -3.57 11.11 -25.74
CA ARG A 285 -3.11 12.11 -24.80
C ARG A 285 -1.80 11.68 -24.14
N LEU A 286 -1.77 10.43 -23.69
CA LEU A 286 -0.61 9.93 -23.02
C LEU A 286 0.59 10.06 -23.95
N GLU A 287 0.44 9.62 -25.19
CA GLU A 287 1.57 9.68 -26.11
C GLU A 287 2.09 11.11 -26.32
N ASP A 288 1.18 12.08 -26.57
CA ASP A 288 1.56 13.47 -26.84
C ASP A 288 2.30 14.05 -25.65
N GLU A 289 1.70 13.87 -24.46
CA GLU A 289 2.29 14.39 -23.25
C GLU A 289 3.70 13.79 -23.05
N LEU A 290 3.84 12.46 -23.15
CA LEU A 290 5.17 11.88 -22.94
C LEU A 290 6.15 12.44 -24.00
N LEU A 291 5.71 12.48 -25.26
CA LEU A 291 6.55 13.08 -26.30
C LEU A 291 6.92 14.52 -25.98
N GLU A 292 6.04 15.28 -25.34
CA GLU A 292 6.36 16.68 -25.05
C GLU A 292 7.51 16.75 -24.01
N ILE A 293 7.40 15.88 -23.01
CA ILE A 293 8.43 15.81 -21.98
C ILE A 293 9.79 15.41 -22.56
N MET A 294 9.77 14.41 -23.41
CA MET A 294 10.97 14.02 -24.10
C MET A 294 11.59 15.19 -24.92
N ALA A 295 10.76 15.98 -25.59
CA ALA A 295 11.28 17.03 -26.48
C ALA A 295 12.01 18.12 -25.68
N ARG A 296 11.33 18.60 -24.64
CA ARG A 296 11.84 19.58 -23.71
C ARG A 296 13.17 19.18 -23.08
N LYS A 297 13.44 17.89 -22.97
CA LYS A 297 14.62 17.43 -22.26
C LYS A 297 15.69 16.97 -23.19
N GLY A 298 15.43 16.99 -24.48
CA GLY A 298 16.40 16.47 -25.43
C GLY A 298 16.47 14.96 -25.62
N TYR A 299 15.49 14.20 -25.14
CA TYR A 299 15.42 12.72 -25.35
C TYR A 299 14.79 12.32 -26.67
N ARG A 300 15.37 11.33 -27.34
CA ARG A 300 14.89 10.96 -28.67
C ARG A 300 14.21 9.58 -28.70
N THR A 301 14.64 8.72 -27.79
CA THR A 301 14.09 7.40 -27.64
C THR A 301 13.80 7.11 -26.16
N LEU A 302 12.97 6.09 -25.93
CA LEU A 302 12.74 5.63 -24.56
C LEU A 302 14.02 5.11 -23.90
N GLU A 303 14.93 4.51 -24.67
CA GLU A 303 16.09 3.85 -24.03
C GLU A 303 17.12 4.84 -23.49
N GLU A 304 17.02 6.10 -23.92
CA GLU A 304 17.89 7.11 -23.37
C GLU A 304 17.64 7.33 -21.86
N PHE A 305 16.40 7.27 -21.40
CA PHE A 305 16.14 7.43 -19.95
C PHE A 305 15.64 6.23 -19.14
N ARG A 306 15.32 5.10 -19.79
CA ARG A 306 14.77 3.94 -19.07
C ARG A 306 15.76 3.42 -18.04
N GLY A 307 15.31 3.37 -16.79
CA GLY A 307 16.14 2.86 -15.66
C GLY A 307 17.14 3.90 -15.18
N ARG A 308 17.05 5.13 -15.70
CA ARG A 308 18.11 6.10 -15.40
C ARG A 308 17.81 7.04 -14.25
N VAL A 309 16.84 6.68 -13.40
CA VAL A 309 16.60 7.42 -12.21
C VAL A 309 17.90 7.66 -11.41
N LYS A 310 18.11 8.88 -10.93
CA LYS A 310 19.37 9.21 -10.24
C LYS A 310 19.13 9.14 -8.78
N THR A 311 20.10 8.60 -8.04
CA THR A 311 20.08 8.72 -6.57
C THR A 311 20.94 9.91 -6.08
N ILE A 312 20.72 10.31 -4.83
CA ILE A 312 21.51 11.37 -4.21
C ILE A 312 22.80 10.83 -3.55
N GLU A 313 23.96 11.22 -4.08
CA GLU A 313 25.27 10.66 -3.66
C GLU A 313 25.40 9.18 -4.07
N MET B 1 -22.06 20.94 23.17
CA MET B 1 -21.53 19.72 22.49
C MET B 1 -19.99 19.69 22.38
N CYS B 2 -19.40 18.52 22.65
CA CYS B 2 -17.95 18.41 22.66
C CYS B 2 -17.45 16.97 22.41
N LEU B 3 -16.13 16.82 22.29
CA LEU B 3 -15.53 15.60 21.81
C LEU B 3 -14.78 14.80 22.85
N LYS B 4 -14.94 15.13 24.12
CA LYS B 4 -14.12 14.41 25.11
C LYS B 4 -14.39 12.90 25.18
N LEU B 5 -13.38 12.14 25.62
CA LEU B 5 -13.55 10.73 25.76
C LEU B 5 -12.64 10.13 26.85
N ASN B 6 -12.98 8.94 27.30
N ASN B 6 -12.97 8.92 27.26
CA ASN B 6 -12.23 8.27 28.34
CA ASN B 6 -12.23 8.26 28.28
C ASN B 6 -11.76 6.96 27.78
C ASN B 6 -11.75 6.95 27.72
N LEU B 7 -10.46 6.69 27.86
CA LEU B 7 -9.92 5.39 27.52
C LEU B 7 -8.65 5.02 28.26
N LEU B 8 -8.44 3.73 28.40
CA LEU B 8 -7.29 3.24 29.13
C LEU B 8 -7.12 4.07 30.39
N ASP B 9 -8.23 4.42 31.03
CA ASP B 9 -8.23 5.17 32.31
C ASP B 9 -7.72 6.62 32.23
N HIS B 10 -7.62 7.15 31.03
CA HIS B 10 -7.27 8.55 30.87
C HIS B 10 -8.39 9.32 30.15
N VAL B 11 -8.53 10.56 30.53
CA VAL B 11 -9.51 11.43 29.93
C VAL B 11 -8.83 12.12 28.76
N PHE B 12 -9.55 12.30 27.67
CA PHE B 12 -8.97 13.03 26.56
C PHE B 12 -9.93 14.12 26.16
N ALA B 13 -9.41 15.32 25.95
CA ALA B 13 -10.23 16.48 25.53
C ALA B 13 -10.86 16.23 24.16
N ASN B 14 -10.21 15.41 23.36
CA ASN B 14 -10.66 15.11 21.98
C ASN B 14 -9.85 13.93 21.49
N PRO B 15 -10.16 13.35 20.30
CA PRO B 15 -9.44 12.10 19.99
C PRO B 15 -8.19 12.28 19.12
N PHE B 16 -7.73 13.52 18.98
CA PHE B 16 -6.56 13.82 18.18
C PHE B 16 -5.26 13.86 18.94
N MET B 17 -4.27 13.29 18.29
CA MET B 17 -2.87 13.36 18.70
C MET B 17 -2.01 13.36 17.46
N ASN B 18 -0.75 13.78 17.63
CA ASN B 18 0.31 13.56 16.66
C ASN B 18 0.56 12.10 16.43
N ALA B 19 1.14 11.79 15.28
CA ALA B 19 1.70 10.47 15.06
C ALA B 19 3.14 10.42 15.55
N ALA B 20 3.58 9.29 16.12
CA ALA B 20 4.97 9.16 16.53
C ALA B 20 5.93 9.46 15.32
N GLY B 21 7.03 10.11 15.61
CA GLY B 21 7.83 10.67 14.54
C GLY B 21 7.66 12.16 14.29
N VAL B 22 6.44 12.70 14.39
CA VAL B 22 6.21 14.11 13.95
C VAL B 22 6.13 15.07 15.14
N LEU B 23 6.96 16.14 15.12
CA LEU B 23 6.94 17.19 16.17
C LEU B 23 6.98 16.58 17.56
N CYS B 24 7.96 15.72 17.78
CA CYS B 24 7.99 15.02 19.04
C CYS B 24 9.42 14.53 19.46
N SER B 25 10.48 15.14 18.96
CA SER B 25 11.82 14.67 19.19
C SER B 25 12.60 15.45 20.28
N THR B 26 12.55 16.78 20.24
CA THR B 26 13.32 17.56 21.18
C THR B 26 12.35 17.99 22.30
N GLU B 27 12.87 18.61 23.36
CA GLU B 27 12.02 19.11 24.44
C GLU B 27 11.17 20.29 23.94
N GLU B 28 11.73 21.03 23.02
CA GLU B 28 11.05 22.12 22.40
C GLU B 28 9.80 21.57 21.68
N ASP B 29 9.99 20.49 20.90
CA ASP B 29 8.91 19.84 20.11
C ASP B 29 7.70 19.47 21.04
N LEU B 30 8.04 18.83 22.15
CA LEU B 30 7.08 18.12 23.03
C LEU B 30 6.33 19.16 23.81
N ARG B 31 7.06 20.21 24.15
CA ARG B 31 6.46 21.36 24.83
C ARG B 31 5.46 22.04 23.92
N CYS B 32 5.80 22.15 22.64
CA CYS B 32 4.88 22.67 21.63
C CYS B 32 3.57 21.82 21.40
N MET B 33 3.74 20.53 21.11
CA MET B 33 2.62 19.56 21.10
C MET B 33 1.69 19.65 22.33
N THR B 34 2.30 19.81 23.51
CA THR B 34 1.56 19.98 24.77
C THR B 34 0.76 21.25 24.78
N ALA B 35 1.35 22.36 24.36
CA ALA B 35 0.63 23.65 24.25
C ALA B 35 -0.44 23.65 23.11
N SER B 36 -0.40 22.67 22.21
CA SER B 36 -1.44 22.53 21.19
C SER B 36 -2.79 22.07 21.77
N SER B 37 -3.81 22.03 20.90
CA SER B 37 -5.13 21.51 21.22
C SER B 37 -5.27 20.02 21.12
N SER B 38 -4.19 19.34 20.84
CA SER B 38 -4.34 17.88 20.65
C SER B 38 -4.85 17.34 21.95
N GLY B 39 -5.70 16.35 21.86
CA GLY B 39 -6.15 15.62 23.02
C GLY B 39 -5.07 14.88 23.78
N ALA B 40 -3.97 14.56 23.11
CA ALA B 40 -2.82 13.77 23.65
C ALA B 40 -1.56 14.04 22.77
N LEU B 41 -0.39 13.52 23.20
CA LEU B 41 0.81 13.48 22.38
C LEU B 41 1.55 12.14 22.55
N VAL B 42 2.26 11.74 21.50
CA VAL B 42 3.23 10.67 21.55
C VAL B 42 4.68 11.20 21.27
N SER B 43 5.68 10.70 22.02
CA SER B 43 7.07 11.06 21.80
C SER B 43 7.66 10.30 20.59
N LYS B 44 8.78 10.78 20.03
CA LYS B 44 9.51 10.09 18.96
C LYS B 44 9.92 8.66 19.40
N SER B 45 9.74 7.66 18.54
CA SER B 45 10.21 6.30 18.86
C SER B 45 11.71 6.37 19.32
N CYS B 46 12.05 5.74 20.43
CA CYS B 46 13.43 5.84 20.87
C CYS B 46 14.13 4.51 21.05
N THR B 47 15.45 4.61 21.06
CA THR B 47 16.39 3.52 21.27
C THR B 47 17.12 3.89 22.56
N SER B 48 17.83 2.93 23.18
CA SER B 48 18.66 3.16 24.40
C SER B 48 19.69 4.26 24.25
N ALA B 49 20.46 4.22 23.19
CA ALA B 49 21.45 5.29 23.02
C ALA B 49 20.93 6.34 22.01
N PRO B 50 21.34 7.61 22.16
CA PRO B 50 20.94 8.62 21.16
C PRO B 50 21.33 8.18 19.74
N ARG B 51 20.56 8.55 18.70
CA ARG B 51 20.94 8.25 17.29
C ARG B 51 20.84 9.50 16.41
N ASP B 52 21.79 9.62 15.49
CA ASP B 52 21.82 10.67 14.47
C ASP B 52 20.89 10.37 13.28
N GLY B 53 20.57 9.10 13.07
CA GLY B 53 19.73 8.74 11.93
C GLY B 53 20.44 8.86 10.59
N ASN B 54 19.64 8.94 9.55
CA ASN B 54 20.09 8.89 8.19
C ASN B 54 20.55 10.23 7.64
N PRO B 55 21.51 10.24 6.67
CA PRO B 55 21.83 11.45 5.85
C PRO B 55 20.60 12.27 5.33
N GLU B 56 20.64 13.60 5.45
CA GLU B 56 19.59 14.46 4.89
C GLU B 56 19.90 14.67 3.43
N PRO B 57 18.87 14.92 2.55
CA PRO B 57 17.44 14.99 2.85
C PRO B 57 16.85 13.59 3.12
N ARG B 58 15.99 13.50 4.14
CA ARG B 58 15.41 12.22 4.58
C ARG B 58 13.88 12.23 4.77
N TYR B 59 13.28 13.42 4.57
CA TYR B 59 11.84 13.56 4.54
C TYR B 59 11.43 14.53 3.40
N MET B 60 10.37 14.24 2.66
CA MET B 60 9.87 15.19 1.68
C MET B 60 8.37 15.04 1.58
N ALA B 61 7.68 16.14 1.31
CA ALA B 61 6.20 16.05 1.22
C ALA B 61 5.71 16.76 0.00
N PHE B 62 4.53 16.36 -0.45
CA PHE B 62 4.01 16.79 -1.75
C PHE B 62 2.53 16.85 -1.56
N PRO B 63 1.77 17.36 -2.56
CA PRO B 63 0.34 17.62 -2.32
C PRO B 63 -0.36 16.38 -1.90
N LEU B 64 0.03 15.22 -2.42
CA LEU B 64 -0.69 14.01 -2.06
C LEU B 64 -0.11 13.26 -0.87
N GLY B 65 1.03 13.71 -0.35
CA GLY B 65 1.61 13.04 0.78
C GLY B 65 3.07 13.21 1.00
N SER B 66 3.65 12.26 1.73
CA SER B 66 5.03 12.36 2.22
C SER B 66 5.78 11.07 2.05
N ILE B 67 7.10 11.19 2.05
CA ILE B 67 7.98 10.05 2.05
C ILE B 67 9.08 10.36 3.04
N ASN B 68 9.46 9.32 3.80
CA ASN B 68 10.53 9.49 4.77
C ASN B 68 11.31 8.26 4.95
N SER B 69 12.57 8.48 5.23
CA SER B 69 13.44 7.43 5.74
C SER B 69 14.39 8.11 6.72
N MET B 70 13.89 8.35 7.92
CA MET B 70 14.58 9.19 8.89
C MET B 70 15.72 8.37 9.50
N GLY B 71 15.51 7.05 9.58
CA GLY B 71 16.46 6.19 10.26
C GLY B 71 16.46 6.30 11.76
N LEU B 72 15.32 6.67 12.35
CA LEU B 72 15.14 6.62 13.82
C LEU B 72 16.16 7.48 14.63
N PRO B 73 16.37 8.74 14.20
CA PRO B 73 17.15 9.69 14.99
C PRO B 73 16.34 10.04 16.23
N ASN B 74 16.99 10.16 17.38
CA ASN B 74 16.30 10.46 18.62
C ASN B 74 17.39 10.72 19.64
N LEU B 75 16.96 11.40 20.71
CA LEU B 75 17.83 11.79 21.80
C LEU B 75 18.15 10.66 22.78
N GLY B 76 17.72 9.43 22.48
CA GLY B 76 17.89 8.31 23.38
C GLY B 76 16.89 8.26 24.52
N PHE B 77 16.67 7.06 25.00
CA PHE B 77 15.64 6.73 25.94
C PHE B 77 15.72 7.46 27.28
N ASP B 78 16.93 7.68 27.79
CA ASP B 78 17.13 8.54 28.99
C ASP B 78 16.48 9.90 28.90
N PHE B 79 16.59 10.51 27.74
CA PHE B 79 15.99 11.82 27.55
C PHE B 79 14.47 11.73 27.64
N TYR B 80 13.85 10.87 26.84
CA TYR B 80 12.37 10.70 26.84
C TYR B 80 11.84 10.19 28.16
N LEU B 81 12.63 9.34 28.82
CA LEU B 81 12.26 8.94 30.17
C LEU B 81 12.28 10.12 31.16
N LYS B 82 13.34 10.91 31.11
CA LYS B 82 13.41 12.09 31.96
C LYS B 82 12.29 13.05 31.62
N TYR B 83 11.99 13.23 30.33
CA TYR B 83 10.80 14.04 29.93
C TYR B 83 9.47 13.50 30.50
N ALA B 84 9.25 12.19 30.38
CA ALA B 84 8.13 11.52 31.01
C ALA B 84 8.12 11.61 32.56
N SER B 85 9.31 11.55 33.17
CA SER B 85 9.52 11.62 34.64
C SER B 85 9.36 12.99 35.24
N ASP B 86 10.11 13.96 34.72
CA ASP B 86 10.25 15.27 35.37
C ASP B 86 9.73 16.46 34.58
N LEU B 87 9.57 16.33 33.27
CA LEU B 87 9.28 17.56 32.51
C LEU B 87 7.84 17.70 32.06
N HIS B 88 7.18 16.60 31.69
CA HIS B 88 5.83 16.64 31.17
C HIS B 88 4.78 17.02 32.19
N ASP B 89 3.90 17.91 31.77
CA ASP B 89 2.77 18.36 32.58
C ASP B 89 1.51 17.54 32.29
N TYR B 90 1.30 16.50 33.08
CA TYR B 90 0.17 15.62 32.87
C TYR B 90 -1.21 16.23 33.05
N SER B 91 -1.30 17.41 33.67
CA SER B 91 -2.56 18.11 33.87
C SER B 91 -3.06 18.59 32.52
N LYS B 92 -2.11 18.86 31.63
CA LYS B 92 -2.41 19.28 30.24
C LYS B 92 -2.95 18.16 29.34
N LYS B 93 -2.27 17.02 29.30
CA LYS B 93 -2.80 15.96 28.50
C LYS B 93 -2.04 14.63 28.70
N PRO B 94 -2.69 13.52 28.34
CA PRO B 94 -1.95 12.25 28.49
C PRO B 94 -0.71 12.26 27.61
N LEU B 95 0.31 11.51 28.03
CA LEU B 95 1.47 11.30 27.20
C LEU B 95 1.65 9.81 26.88
N PHE B 96 1.89 9.51 25.61
CA PHE B 96 2.31 8.20 25.18
C PHE B 96 3.83 8.26 24.98
N LEU B 97 4.50 7.13 25.20
CA LEU B 97 5.90 7.08 24.92
C LEU B 97 6.11 5.89 24.02
N SER B 98 6.69 6.18 22.85
CA SER B 98 6.87 5.17 21.83
C SER B 98 8.28 4.59 21.94
N ILE B 99 8.38 3.29 22.10
CA ILE B 99 9.72 2.77 22.02
C ILE B 99 9.91 1.93 20.79
N SER B 100 11.10 1.98 20.20
CA SER B 100 11.34 1.23 18.97
C SER B 100 12.76 0.63 18.93
N GLY B 101 13.12 -0.08 20.00
CA GLY B 101 14.40 -0.81 20.12
C GLY B 101 14.77 -1.70 18.94
N LEU B 102 16.08 -1.93 18.73
CA LEU B 102 16.53 -2.67 17.54
C LEU B 102 16.61 -4.20 17.76
N SER B 103 16.23 -4.63 18.93
CA SER B 103 16.19 -6.05 19.20
C SER B 103 15.22 -6.17 20.33
N VAL B 104 14.80 -7.40 20.63
CA VAL B 104 13.89 -7.63 21.73
C VAL B 104 14.56 -7.27 23.08
N GLU B 105 15.87 -7.55 23.20
CA GLU B 105 16.69 -7.25 24.40
C GLU B 105 16.74 -5.78 24.68
N GLU B 106 17.04 -5.00 23.65
CA GLU B 106 17.03 -3.54 23.79
C GLU B 106 15.64 -3.09 24.29
N ASN B 107 14.56 -3.63 23.69
CA ASN B 107 13.17 -3.35 24.10
C ASN B 107 12.80 -3.77 25.53
N VAL B 108 13.16 -4.99 25.93
CA VAL B 108 12.94 -5.42 27.33
C VAL B 108 13.69 -4.48 28.30
N ALA B 109 14.98 -4.25 28.08
CA ALA B 109 15.75 -3.28 28.93
C ALA B 109 15.07 -1.88 29.09
N MET B 110 14.54 -1.32 27.99
CA MET B 110 13.78 -0.06 28.11
C MET B 110 12.53 -0.15 28.97
N VAL B 111 11.69 -1.16 28.71
CA VAL B 111 10.39 -1.27 29.41
C VAL B 111 10.47 -1.49 30.95
N ARG B 112 11.37 -2.36 31.42
CA ARG B 112 11.60 -2.56 32.89
C ARG B 112 11.83 -1.23 33.53
N ARG B 113 12.59 -0.36 32.87
CA ARG B 113 12.85 1.00 33.35
C ARG B 113 11.71 1.97 33.24
N LEU B 114 10.81 1.74 32.28
CA LEU B 114 9.64 2.61 32.09
C LEU B 114 8.49 2.19 32.94
N ALA B 115 8.35 0.88 33.17
CA ALA B 115 7.28 0.35 34.07
C ALA B 115 7.03 1.21 35.32
N PRO B 116 8.07 1.49 36.14
CA PRO B 116 7.77 2.30 37.36
C PRO B 116 7.27 3.72 37.12
N VAL B 117 7.72 4.36 36.03
CA VAL B 117 7.27 5.74 35.70
C VAL B 117 5.81 5.73 35.22
N ALA B 118 5.46 4.76 34.35
CA ALA B 118 4.04 4.48 33.96
C ALA B 118 3.12 4.34 35.18
N GLN B 119 3.48 3.44 36.11
CA GLN B 119 2.78 3.28 37.37
C GLN B 119 2.54 4.63 37.99
N GLU B 120 3.65 5.31 38.26
CA GLU B 120 3.67 6.55 39.02
C GLU B 120 3.02 7.75 38.28
N LYS B 121 3.27 7.91 36.97
CA LYS B 121 2.84 9.08 36.22
C LYS B 121 1.67 8.80 35.27
N GLY B 122 1.56 7.55 34.83
CA GLY B 122 0.50 7.19 33.90
C GLY B 122 0.83 7.32 32.42
N VAL B 123 2.08 7.67 32.07
CA VAL B 123 2.59 7.62 30.70
C VAL B 123 2.24 6.25 30.09
N LEU B 124 1.98 6.21 28.79
CA LEU B 124 1.53 4.97 28.18
C LEU B 124 2.51 4.49 27.15
N LEU B 125 2.62 3.22 26.99
CA LEU B 125 3.63 2.66 26.13
C LEU B 125 2.96 2.34 24.78
N GLU B 126 3.55 2.84 23.69
CA GLU B 126 3.26 2.40 22.34
C GLU B 126 4.50 1.66 21.83
N LEU B 127 4.39 0.36 21.74
CA LEU B 127 5.42 -0.44 21.21
C LEU B 127 5.43 -0.39 19.68
N ASN B 128 6.45 0.23 19.10
CA ASN B 128 6.60 0.23 17.64
C ASN B 128 7.14 -1.07 17.07
N LEU B 129 6.24 -1.86 16.48
CA LEU B 129 6.52 -3.16 15.84
C LEU B 129 6.85 -3.02 14.38
N SER B 130 6.83 -1.78 13.88
CA SER B 130 6.87 -1.53 12.44
C SER B 130 8.26 -1.09 12.11
N CYS B 131 9.22 -1.61 12.88
CA CYS B 131 10.64 -1.26 12.71
C CYS B 131 11.50 -2.49 12.42
N PRO B 132 12.69 -2.28 11.79
CA PRO B 132 13.80 -3.22 11.73
C PRO B 132 13.97 -4.08 12.99
N ASN B 133 14.13 -5.39 12.86
CA ASN B 133 14.43 -6.16 11.62
C ASN B 133 14.38 -5.62 10.16
N VAL B 134 15.48 -5.01 9.71
CA VAL B 134 15.84 -4.95 8.27
C VAL B 134 17.27 -5.50 8.08
N PRO B 135 17.58 -6.69 8.68
CA PRO B 135 18.87 -7.32 8.47
C PRO B 135 18.80 -8.24 7.25
N GLY B 136 18.29 -9.46 7.44
CA GLY B 136 17.95 -10.39 6.35
C GLY B 136 16.48 -10.87 6.43
N LYS B 137 15.93 -10.84 7.64
CA LYS B 137 14.56 -11.30 7.90
C LYS B 137 13.55 -10.15 7.75
N PRO B 138 12.27 -10.47 7.41
CA PRO B 138 11.27 -9.40 7.23
C PRO B 138 11.10 -8.63 8.54
N GLN B 139 10.50 -7.44 8.48
CA GLN B 139 10.38 -6.64 9.70
C GLN B 139 9.42 -7.37 10.64
N VAL B 140 9.32 -6.91 11.88
CA VAL B 140 8.75 -7.76 12.94
C VAL B 140 7.26 -8.12 12.74
N ALA B 141 6.45 -7.11 12.38
CA ALA B 141 5.01 -7.26 12.14
C ALA B 141 4.66 -8.16 10.98
N TYR B 142 5.52 -8.23 9.97
CA TYR B 142 5.34 -9.15 8.86
C TYR B 142 5.95 -10.53 9.10
N ASP B 143 6.31 -10.82 10.37
CA ASP B 143 6.94 -12.08 10.78
C ASP B 143 6.31 -12.53 12.11
N PHE B 144 5.30 -13.38 11.99
CA PHE B 144 4.37 -13.60 13.11
C PHE B 144 4.98 -14.29 14.33
N GLU B 145 6.03 -15.09 14.12
CA GLU B 145 6.82 -15.70 15.21
C GLU B 145 7.62 -14.65 16.02
N ALA B 146 8.38 -13.82 15.31
CA ALA B 146 9.07 -12.68 15.91
C ALA B 146 8.08 -11.80 16.65
N MET B 147 6.89 -11.59 16.06
CA MET B 147 5.84 -10.77 16.69
C MET B 147 5.38 -11.40 18.01
N ARG B 148 5.06 -12.69 17.99
CA ARG B 148 4.76 -13.45 19.22
C ARG B 148 5.87 -13.38 20.28
N THR B 149 7.14 -13.43 19.87
CA THR B 149 8.27 -13.31 20.81
C THR B 149 8.31 -11.91 21.42
N TYR B 150 8.35 -10.87 20.61
CA TYR B 150 8.43 -9.54 21.24
C TYR B 150 7.29 -9.33 22.21
N LEU B 151 6.10 -9.82 21.85
CA LEU B 151 4.89 -9.58 22.67
C LEU B 151 4.97 -10.28 24.02
N GLN B 152 5.46 -11.51 23.99
CA GLN B 152 5.55 -12.32 25.22
C GLN B 152 6.57 -11.69 26.12
N GLN B 153 7.74 -11.41 25.55
CA GLN B 153 8.87 -10.89 26.30
C GLN B 153 8.56 -9.57 26.88
N VAL B 154 7.90 -8.72 26.09
CA VAL B 154 7.61 -7.36 26.53
C VAL B 154 6.52 -7.39 27.57
N SER B 155 5.46 -8.18 27.37
CA SER B 155 4.35 -8.19 28.39
C SER B 155 4.87 -8.76 29.71
N LEU B 156 5.86 -9.65 29.63
CA LEU B 156 6.53 -10.17 30.83
C LEU B 156 7.26 -9.06 31.57
N ALA B 157 8.11 -8.34 30.86
CA ALA B 157 8.95 -7.34 31.45
C ALA B 157 8.16 -6.13 31.86
N TYR B 158 7.15 -5.76 31.09
CA TYR B 158 6.45 -4.50 31.38
C TYR B 158 5.38 -4.75 32.43
N GLY B 159 4.58 -5.80 32.22
CA GLY B 159 3.44 -6.15 33.07
C GLY B 159 2.34 -5.10 33.24
N LEU B 160 2.19 -4.18 32.27
CA LEU B 160 1.08 -3.20 32.29
C LEU B 160 0.41 -3.13 30.92
N PRO B 161 -0.84 -2.63 30.86
CA PRO B 161 -1.53 -2.34 29.59
C PRO B 161 -0.61 -1.53 28.72
N PHE B 162 -0.47 -1.89 27.46
CA PHE B 162 0.22 -1.06 26.53
C PHE B 162 -0.40 -1.34 25.18
N GLY B 163 0.12 -0.67 24.14
CA GLY B 163 -0.36 -0.82 22.80
C GLY B 163 0.74 -1.01 21.77
N VAL B 164 0.35 -1.43 20.57
CA VAL B 164 1.34 -1.74 19.56
C VAL B 164 1.07 -0.90 18.32
N LYS B 165 2.13 -0.43 17.65
CA LYS B 165 2.01 0.29 16.40
C LYS B 165 2.23 -0.72 15.27
N MET B 166 1.25 -0.79 14.36
CA MET B 166 1.22 -1.81 13.31
C MET B 166 1.52 -1.23 11.92
N PRO B 167 2.28 -1.96 11.08
CA PRO B 167 2.37 -1.51 9.69
C PRO B 167 1.13 -2.06 8.98
N PRO B 168 0.82 -1.56 7.80
CA PRO B 168 -0.43 -2.05 7.18
C PRO B 168 -0.27 -3.44 6.62
N TYR B 169 -1.36 -4.20 6.57
CA TYR B 169 -1.42 -5.50 5.89
C TYR B 169 -2.35 -5.37 4.69
N PHE B 170 -2.17 -6.27 3.73
CA PHE B 170 -2.88 -6.15 2.50
C PHE B 170 -3.62 -7.40 2.06
N ASP B 171 -3.67 -8.38 2.96
CA ASP B 171 -4.25 -9.70 2.76
C ASP B 171 -5.19 -10.16 3.94
N ILE B 172 -6.35 -10.69 3.57
CA ILE B 172 -7.31 -11.28 4.52
C ILE B 172 -6.64 -12.34 5.41
N ALA B 173 -5.93 -13.30 4.84
CA ALA B 173 -5.19 -14.23 5.71
C ALA B 173 -4.24 -13.56 6.72
N HIS B 174 -3.62 -12.44 6.38
CA HIS B 174 -2.73 -11.74 7.33
C HIS B 174 -3.45 -11.02 8.43
N PHE B 175 -4.53 -10.34 8.07
CA PHE B 175 -5.41 -9.81 9.13
C PHE B 175 -5.85 -10.90 10.08
N ASP B 176 -6.36 -12.04 9.57
CA ASP B 176 -6.78 -13.18 10.42
C ASP B 176 -5.62 -13.62 11.27
N THR B 177 -4.45 -13.80 10.67
CA THR B 177 -3.24 -14.21 11.41
C THR B 177 -2.68 -13.13 12.40
N ALA B 178 -2.52 -11.90 11.95
CA ALA B 178 -1.95 -10.88 12.80
C ALA B 178 -2.88 -10.65 13.97
N ALA B 179 -4.18 -10.66 13.70
CA ALA B 179 -5.22 -10.43 14.72
C ALA B 179 -5.23 -11.53 15.76
N ALA B 180 -5.09 -12.77 15.33
CA ALA B 180 -5.08 -13.91 16.25
C ALA B 180 -3.92 -13.77 17.23
N VAL B 181 -2.72 -13.45 16.71
CA VAL B 181 -1.55 -13.12 17.59
C VAL B 181 -1.78 -12.04 18.63
N LEU B 182 -2.31 -10.89 18.21
CA LEU B 182 -2.56 -9.83 19.17
C LEU B 182 -3.57 -10.20 20.25
N ASN B 183 -4.50 -11.08 19.86
CA ASN B 183 -5.56 -11.58 20.76
C ASN B 183 -4.98 -12.59 21.77
N GLU B 184 -3.82 -13.15 21.48
CA GLU B 184 -3.10 -13.93 22.48
C GLU B 184 -2.70 -13.14 23.70
N PHE B 185 -2.65 -11.80 23.59
CA PHE B 185 -2.12 -10.92 24.68
C PHE B 185 -3.07 -9.93 25.31
N PRO B 186 -3.60 -10.29 26.49
CA PRO B 186 -4.53 -9.47 27.21
C PRO B 186 -3.98 -8.11 27.55
N LEU B 187 -2.67 -7.99 27.73
CA LEU B 187 -2.01 -6.69 28.07
C LEU B 187 -1.97 -5.65 26.91
N VAL B 188 -2.10 -6.12 25.67
CA VAL B 188 -2.14 -5.22 24.52
C VAL B 188 -3.55 -4.60 24.39
N LYS B 189 -3.77 -3.42 24.92
CA LYS B 189 -5.15 -2.94 24.99
C LYS B 189 -5.50 -2.13 23.78
N PHE B 190 -4.48 -1.69 23.05
CA PHE B 190 -4.73 -0.89 21.87
C PHE B 190 -3.76 -1.19 20.73
N VAL B 191 -4.33 -1.10 19.55
CA VAL B 191 -3.64 -1.35 18.29
C VAL B 191 -3.75 -0.04 17.51
N THR B 192 -2.60 0.49 17.09
CA THR B 192 -2.55 1.64 16.20
C THR B 192 -2.29 1.19 14.76
N CYS B 193 -3.30 1.46 13.88
CA CYS B 193 -3.31 1.16 12.45
C CYS B 193 -3.41 2.46 11.70
N VAL B 194 -2.42 2.83 10.89
CA VAL B 194 -1.19 2.08 10.54
C VAL B 194 0.08 2.97 10.57
N ASN B 195 1.26 2.35 10.54
CA ASN B 195 2.50 3.05 10.32
C ASN B 195 2.64 3.41 8.82
N SER B 196 3.73 4.07 8.43
CA SER B 196 3.91 4.38 6.98
C SER B 196 3.86 3.16 6.06
N VAL B 197 3.39 3.37 4.85
CA VAL B 197 3.26 2.30 3.87
C VAL B 197 4.69 2.10 3.34
N GLY B 198 5.24 0.93 3.68
CA GLY B 198 6.65 0.69 3.49
C GLY B 198 7.15 0.77 2.06
N ASN B 199 8.32 1.40 1.90
CA ASN B 199 9.14 1.36 0.67
C ASN B 199 8.48 1.81 -0.62
N GLY B 200 7.82 2.97 -0.63
CA GLY B 200 7.37 3.55 -1.91
C GLY B 200 8.58 4.33 -2.43
N LEU B 201 8.45 4.91 -3.61
CA LEU B 201 9.57 5.65 -4.18
C LEU B 201 8.98 6.85 -4.88
N VAL B 202 9.47 8.02 -4.55
CA VAL B 202 8.96 9.21 -5.22
C VAL B 202 10.09 9.72 -6.08
N ILE B 203 9.83 9.88 -7.37
CA ILE B 203 10.80 10.37 -8.33
C ILE B 203 10.32 11.76 -8.83
N ASP B 204 11.24 12.70 -8.91
CA ASP B 204 10.88 14.01 -9.40
C ASP B 204 11.20 14.03 -10.92
N ALA B 205 10.20 14.42 -11.73
CA ALA B 205 10.33 14.40 -13.17
C ALA B 205 11.34 15.42 -13.71
N GLU B 206 11.37 16.65 -13.19
CA GLU B 206 12.33 17.71 -13.63
C GLU B 206 13.82 17.31 -13.49
N SER B 207 14.22 16.87 -12.32
CA SER B 207 15.62 16.58 -12.09
C SER B 207 15.90 15.10 -12.27
N GLU B 208 14.85 14.34 -12.59
CA GLU B 208 14.96 12.89 -12.86
C GLU B 208 15.73 12.14 -11.81
N SER B 209 15.38 12.49 -10.57
CA SER B 209 16.06 12.07 -9.36
C SER B 209 15.04 11.65 -8.26
N VAL B 210 15.40 10.65 -7.48
CA VAL B 210 14.71 10.43 -6.23
C VAL B 210 14.79 11.69 -5.38
N VAL B 211 14.01 11.73 -4.31
CA VAL B 211 13.88 12.98 -3.53
C VAL B 211 14.50 12.88 -2.14
N ILE B 212 14.86 11.68 -1.71
CA ILE B 212 15.46 11.55 -0.42
C ILE B 212 16.69 10.71 -0.61
N LYS B 213 17.69 10.91 0.25
CA LYS B 213 19.04 10.41 0.03
C LYS B 213 19.28 8.96 0.48
N PRO B 214 18.82 8.58 1.68
CA PRO B 214 18.99 7.15 2.04
C PRO B 214 18.18 6.12 1.20
N LYS B 215 18.65 4.87 1.27
CA LYS B 215 17.96 3.69 0.73
C LYS B 215 17.60 3.87 -0.74
N GLN B 216 18.50 4.50 -1.45
CA GLN B 216 18.29 4.85 -2.82
C GLN B 216 16.93 5.51 -3.10
N GLY B 217 16.39 6.21 -2.11
CA GLY B 217 15.17 7.02 -2.36
C GLY B 217 13.89 6.36 -1.93
N PHE B 218 14.01 5.13 -1.39
CA PHE B 218 12.87 4.31 -0.99
C PHE B 218 12.53 4.72 0.43
N GLY B 219 11.26 4.87 0.79
CA GLY B 219 10.95 5.25 2.18
C GLY B 219 9.49 4.98 2.51
N GLY B 220 9.08 5.15 3.78
CA GLY B 220 7.69 5.04 4.14
C GLY B 220 6.84 6.19 3.61
N LEU B 221 5.64 5.83 3.15
CA LEU B 221 4.63 6.76 2.57
C LEU B 221 3.55 7.10 3.59
N GLY B 222 3.26 8.39 3.74
CA GLY B 222 2.11 8.84 4.53
C GLY B 222 1.22 9.73 3.68
N GLY B 223 0.15 10.23 4.26
CA GLY B 223 -0.65 11.23 3.60
C GLY B 223 -1.83 10.63 2.85
N LYS B 224 -2.31 11.39 1.86
CA LYS B 224 -3.52 11.06 1.09
C LYS B 224 -3.37 9.73 0.30
N TYR B 225 -2.15 9.32 0.02
CA TYR B 225 -1.95 8.02 -0.57
C TYR B 225 -2.52 6.90 0.27
N ILE B 226 -2.59 7.04 1.60
CA ILE B 226 -2.74 5.80 2.36
C ILE B 226 -4.03 5.66 3.08
N LEU B 227 -4.91 6.61 2.84
CA LEU B 227 -6.16 6.64 3.62
C LEU B 227 -7.07 5.36 3.45
N PRO B 228 -7.36 4.93 2.24
CA PRO B 228 -8.23 3.73 2.18
C PRO B 228 -7.58 2.50 2.81
N THR B 229 -6.26 2.41 2.67
CA THR B 229 -5.43 1.46 3.37
C THR B 229 -5.49 1.65 4.88
N ALA B 230 -5.40 2.88 5.36
CA ALA B 230 -5.48 3.04 6.83
C ALA B 230 -6.87 2.60 7.34
N LEU B 231 -7.91 2.83 6.52
CA LEU B 231 -9.31 2.54 6.92
C LEU B 231 -9.61 1.05 6.85
N ALA B 232 -9.10 0.34 5.84
CA ALA B 232 -9.31 -1.13 5.83
C ALA B 232 -8.71 -1.79 7.10
N ASN B 233 -7.50 -1.40 7.48
CA ASN B 233 -6.84 -1.91 8.71
C ASN B 233 -7.52 -1.49 10.03
N VAL B 234 -7.93 -0.23 10.16
CA VAL B 234 -8.64 0.13 11.32
C VAL B 234 -9.81 -0.87 11.41
N ASN B 235 -10.63 -0.92 10.38
CA ASN B 235 -11.82 -1.76 10.40
C ASN B 235 -11.58 -3.24 10.46
N ALA B 236 -10.52 -3.75 9.85
CA ALA B 236 -10.21 -5.18 9.97
C ALA B 236 -9.83 -5.52 11.40
N PHE B 237 -9.15 -4.62 12.10
CA PHE B 237 -8.77 -4.90 13.48
C PHE B 237 -9.92 -4.64 14.45
N TYR B 238 -10.79 -3.73 14.05
CA TYR B 238 -11.93 -3.39 14.84
C TYR B 238 -12.81 -4.62 14.95
N ARG B 239 -13.01 -5.29 13.82
CA ARG B 239 -13.94 -6.42 13.71
C ARG B 239 -13.33 -7.70 14.35
N ARG B 240 -12.03 -7.91 14.15
CA ARG B 240 -11.33 -9.04 14.73
C ARG B 240 -10.82 -8.88 16.20
N CYS B 241 -10.84 -7.67 16.76
CA CYS B 241 -10.28 -7.46 18.12
C CYS B 241 -11.31 -6.76 19.02
N PRO B 242 -12.37 -7.51 19.40
CA PRO B 242 -13.49 -6.85 20.03
C PRO B 242 -13.12 -6.39 21.43
N ASP B 243 -12.04 -6.95 21.98
CA ASP B 243 -11.62 -6.63 23.38
C ASP B 243 -10.50 -5.57 23.43
N LYS B 244 -10.12 -5.03 22.27
CA LYS B 244 -9.06 -4.03 22.17
C LYS B 244 -9.57 -2.71 21.61
N LEU B 245 -8.87 -1.61 21.89
CA LEU B 245 -9.20 -0.37 21.16
C LEU B 245 -8.43 -0.29 19.87
N VAL B 246 -9.02 0.32 18.82
CA VAL B 246 -8.24 0.64 17.62
C VAL B 246 -8.03 2.16 17.55
N PHE B 247 -6.78 2.54 17.32
CA PHE B 247 -6.34 3.91 17.01
C PHE B 247 -6.04 3.98 15.53
N GLY B 248 -6.62 4.97 14.86
CA GLY B 248 -6.40 5.13 13.44
C GLY B 248 -5.29 6.12 13.20
N CYS B 249 -4.44 5.78 12.23
CA CYS B 249 -3.40 6.67 11.81
C CYS B 249 -3.40 6.54 10.32
N GLY B 250 -3.28 7.66 9.64
CA GLY B 250 -2.94 7.55 8.22
C GLY B 250 -3.92 8.36 7.38
N GLY B 251 -3.42 9.46 6.83
CA GLY B 251 -4.15 10.16 5.80
C GLY B 251 -5.17 11.12 6.33
N VAL B 252 -5.01 11.53 7.58
CA VAL B 252 -5.95 12.51 8.14
C VAL B 252 -5.53 13.94 7.78
N TYR B 253 -6.30 14.60 6.93
CA TYR B 253 -6.07 16.01 6.66
C TYR B 253 -7.27 16.85 7.09
N SER B 254 -8.40 16.19 7.35
CA SER B 254 -9.66 16.86 7.61
C SER B 254 -10.51 16.14 8.65
N GLY B 255 -11.54 16.84 9.08
CA GLY B 255 -12.57 16.33 9.99
C GLY B 255 -13.27 15.14 9.41
N GLU B 256 -13.45 15.21 8.10
CA GLU B 256 -14.05 14.15 7.35
C GLU B 256 -13.19 12.89 7.34
N ASP B 257 -11.88 13.05 7.22
CA ASP B 257 -10.97 11.92 7.19
C ASP B 257 -11.02 11.31 8.60
N ALA B 258 -11.06 12.15 9.61
CA ALA B 258 -11.20 11.65 10.97
C ALA B 258 -12.52 10.95 11.20
N PHE B 259 -13.62 11.52 10.65
CA PHE B 259 -14.98 10.92 10.75
C PHE B 259 -15.03 9.50 10.18
N LEU B 260 -14.37 9.29 9.04
CA LEU B 260 -14.37 8.02 8.40
C LEU B 260 -13.52 6.99 9.21
N HIS B 261 -12.38 7.45 9.74
CA HIS B 261 -11.59 6.65 10.69
C HIS B 261 -12.48 6.21 11.86
N ILE B 262 -13.28 7.12 12.40
CA ILE B 262 -14.05 6.62 13.50
C ILE B 262 -15.16 5.66 13.03
N LEU B 263 -15.78 5.95 11.87
CA LEU B 263 -16.84 5.07 11.40
C LEU B 263 -16.25 3.69 11.19
N ALA B 264 -14.96 3.67 10.86
CA ALA B 264 -14.31 2.42 10.61
C ALA B 264 -13.97 1.71 11.89
N GLY B 265 -14.01 2.41 13.01
CA GLY B 265 -13.79 1.77 14.31
C GLY B 265 -12.76 2.43 15.22
N ALA B 266 -12.15 3.51 14.80
CA ALA B 266 -11.07 4.14 15.56
C ALA B 266 -11.55 4.91 16.77
N SER B 267 -10.76 4.87 17.85
CA SER B 267 -11.06 5.57 19.10
C SER B 267 -10.21 6.78 19.24
N MET B 268 -8.92 6.67 18.95
CA MET B 268 -8.07 7.87 18.76
C MET B 268 -7.68 7.97 17.27
N VAL B 269 -7.41 9.21 16.85
CA VAL B 269 -7.12 9.54 15.49
C VAL B 269 -5.79 10.31 15.48
N GLN B 270 -4.80 9.77 14.75
CA GLN B 270 -3.42 10.29 14.75
C GLN B 270 -3.11 11.02 13.45
N VAL B 271 -2.39 12.15 13.58
CA VAL B 271 -2.02 12.97 12.46
C VAL B 271 -0.50 13.04 12.35
N GLY B 272 -0.01 12.60 11.17
CA GLY B 272 1.39 12.63 10.82
C GLY B 272 1.75 13.64 9.79
N THR B 273 1.73 13.25 8.52
CA THR B 273 2.09 14.16 7.43
C THR B 273 1.35 15.51 7.56
N ALA B 274 0.04 15.49 7.75
CA ALA B 274 -0.75 16.77 7.67
C ALA B 274 -0.23 17.72 8.72
N LEU B 275 0.20 17.14 9.85
CA LEU B 275 0.76 17.91 10.97
C LEU B 275 2.17 18.43 10.61
N GLN B 276 2.93 17.59 9.94
CA GLN B 276 4.28 18.01 9.60
C GLN B 276 4.18 19.21 8.68
N GLU B 277 3.12 19.19 7.86
CA GLU B 277 2.94 20.19 6.83
C GLU B 277 2.26 21.48 7.32
N GLU B 278 1.21 21.37 8.12
CA GLU B 278 0.47 22.54 8.51
C GLU B 278 0.88 23.09 9.91
N GLY B 279 1.58 22.28 10.71
CA GLY B 279 1.87 22.65 12.09
C GLY B 279 0.73 22.40 13.12
N PRO B 280 1.05 22.57 14.42
CA PRO B 280 0.09 22.24 15.48
C PRO B 280 -1.26 22.93 15.41
N GLY B 281 -1.38 24.03 14.68
CA GLY B 281 -2.70 24.66 14.50
C GLY B 281 -3.74 23.70 13.91
N ILE B 282 -3.30 22.58 13.39
CA ILE B 282 -4.21 21.72 12.66
C ILE B 282 -5.29 21.12 13.58
N PHE B 283 -4.93 20.87 14.82
CA PHE B 283 -5.87 20.33 15.78
C PHE B 283 -7.14 21.16 15.97
N THR B 284 -7.06 22.47 16.12
CA THR B 284 -8.26 23.32 16.19
C THR B 284 -9.17 23.21 14.94
N ARG B 285 -8.58 23.13 13.76
CA ARG B 285 -9.39 22.93 12.55
C ARG B 285 -10.07 21.55 12.48
N LEU B 286 -9.32 20.53 12.81
CA LEU B 286 -9.86 19.21 12.73
C LEU B 286 -11.02 19.03 13.71
N GLU B 287 -10.84 19.55 14.92
CA GLU B 287 -11.87 19.55 15.94
C GLU B 287 -13.14 20.15 15.37
N ASP B 288 -13.01 21.35 14.79
CA ASP B 288 -14.16 22.09 14.31
C ASP B 288 -14.88 21.29 13.25
N GLU B 289 -14.09 20.75 12.30
CA GLU B 289 -14.71 20.13 11.14
C GLU B 289 -15.42 18.86 11.56
N LEU B 290 -14.82 18.12 12.47
CA LEU B 290 -15.46 16.90 12.96
C LEU B 290 -16.75 17.28 13.72
N LEU B 291 -16.72 18.37 14.49
CA LEU B 291 -17.94 18.77 15.21
C LEU B 291 -19.02 19.19 14.22
N GLU B 292 -18.59 19.74 13.10
CA GLU B 292 -19.50 20.24 12.12
C GLU B 292 -20.28 19.09 11.44
N ILE B 293 -19.56 18.03 11.09
CA ILE B 293 -20.17 16.82 10.47
C ILE B 293 -21.19 16.20 11.44
N MET B 294 -20.74 15.83 12.63
CA MET B 294 -21.62 15.43 13.74
C MET B 294 -22.91 16.26 13.85
N ALA B 295 -22.80 17.58 13.78
CA ALA B 295 -23.98 18.39 14.04
C ALA B 295 -24.98 18.20 12.88
N ARG B 296 -24.47 18.28 11.66
CA ARG B 296 -25.28 18.17 10.45
C ARG B 296 -26.04 16.81 10.38
N LYS B 297 -25.47 15.79 11.01
CA LYS B 297 -26.04 14.44 11.07
C LYS B 297 -26.80 14.20 12.37
N GLY B 298 -26.69 15.07 13.36
CA GLY B 298 -27.34 14.87 14.64
C GLY B 298 -26.73 13.75 15.50
N TYR B 299 -25.42 13.60 15.39
CA TYR B 299 -24.68 12.74 16.28
C TYR B 299 -24.19 13.58 17.45
N ARG B 300 -24.40 13.11 18.67
CA ARG B 300 -23.90 13.81 19.88
C ARG B 300 -22.57 13.26 20.41
N THR B 301 -22.29 11.99 20.17
CA THR B 301 -21.14 11.34 20.74
C THR B 301 -20.40 10.54 19.64
N LEU B 302 -19.10 10.34 19.82
CA LEU B 302 -18.32 9.50 18.93
C LEU B 302 -18.78 8.06 19.03
N GLU B 303 -19.18 7.67 20.23
CA GLU B 303 -19.74 6.35 20.51
C GLU B 303 -20.93 6.05 19.59
N GLU B 304 -21.74 7.06 19.27
CA GLU B 304 -22.92 6.83 18.42
C GLU B 304 -22.62 6.10 17.08
N PHE B 305 -21.58 6.54 16.37
CA PHE B 305 -21.22 6.01 15.04
C PHE B 305 -19.86 5.28 15.01
N ARG B 306 -19.15 5.19 16.13
CA ARG B 306 -17.86 4.54 16.08
C ARG B 306 -18.12 3.13 15.62
N GLY B 307 -17.47 2.72 14.54
CA GLY B 307 -17.53 1.34 14.08
C GLY B 307 -18.80 0.98 13.33
N ARG B 308 -19.64 1.96 13.03
CA ARG B 308 -20.99 1.66 12.55
C ARG B 308 -21.16 1.89 11.06
N VAL B 309 -20.03 1.78 10.33
CA VAL B 309 -20.02 1.85 8.87
C VAL B 309 -20.94 0.77 8.28
N LYS B 310 -21.74 1.14 7.29
CA LYS B 310 -22.72 0.22 6.69
C LYS B 310 -22.09 -0.56 5.51
N THR B 311 -22.46 -1.82 5.40
CA THR B 311 -22.13 -2.62 4.22
C THR B 311 -23.39 -2.77 3.33
N ILE B 312 -23.26 -3.22 2.09
CA ILE B 312 -24.43 -3.29 1.22
C ILE B 312 -25.13 -4.63 1.28
N GLU B 313 -26.44 -4.54 1.59
CA GLU B 313 -27.44 -5.64 1.71
C GLU B 313 -27.82 -5.97 3.15
#